data_6I1V
#
_entry.id   6I1V
#
loop_
_entity.id
_entity.type
_entity.pdbx_description
1 polymer "RNA (5'-R(*UP*CP*AP*CP*(PSU)P*GP*AP*GP*U)-3')"
2 polymer "RNA (5'-R(*AP*CP*UP*CP*AP*GP*UP*GP*A)-3')"
#
loop_
_entity_poly.entity_id
_entity_poly.type
_entity_poly.pdbx_seq_one_letter_code
_entity_poly.pdbx_strand_id
1 'polyribonucleotide' UCAC(PSU)GAGU A
2 'polyribonucleotide' ACUCAGUGA B
#
loop_
_chem_comp.id
_chem_comp.type
_chem_comp.name
_chem_comp.formula
A RNA linking ADENOSINE-5'-MONOPHOSPHATE 'C10 H14 N5 O7 P'
C RNA linking CYTIDINE-5'-MONOPHOSPHATE 'C9 H14 N3 O8 P'
G RNA linking GUANOSINE-5'-MONOPHOSPHATE 'C10 H14 N5 O8 P'
PSU RNA linking PSEUDOURIDINE-5'-MONOPHOSPHATE 'C9 H13 N2 O9 P'
U RNA linking URIDINE-5'-MONOPHOSPHATE 'C9 H13 N2 O9 P'
#
# COMPACT_ATOMS: atom_id res chain seq x y z
N1 PSU A 5 -2.20 0.94 -1.77
C2 PSU A 5 -2.70 0.15 -2.80
N3 PSU A 5 -2.31 -1.16 -2.77
C4 PSU A 5 -1.49 -1.75 -1.84
C5 PSU A 5 -1.04 -0.88 -0.76
C6 PSU A 5 -1.39 0.43 -0.76
O2 PSU A 5 -3.41 0.59 -3.69
O4 PSU A 5 -1.21 -2.94 -1.99
C1' PSU A 5 -0.13 -1.47 0.32
C2' PSU A 5 1.31 -1.60 -0.19
O2' PSU A 5 1.91 -2.76 0.39
C3' PSU A 5 1.91 -0.27 0.31
C4' PSU A 5 1.26 -0.22 1.69
O3' PSU A 5 3.32 -0.25 0.34
O4' PSU A 5 -0.09 -0.63 1.48
C5' PSU A 5 1.33 1.16 2.35
O5' PSU A 5 0.64 2.15 1.62
P PSU A 5 0.44 3.65 2.18
OP1 PSU A 5 1.68 4.06 2.86
OP2 PSU A 5 -0.07 4.49 1.07
HN1 PSU A 5 -2.47 1.91 -1.81
HN3 PSU A 5 -2.64 -1.75 -3.53
H6 PSU A 5 -1.06 1.14 -0.01
H1' PSU A 5 -0.51 -2.45 0.60
H2' PSU A 5 1.34 -1.65 -1.27
HO2' PSU A 5 1.65 -3.53 -0.11
H3' PSU A 5 1.52 0.55 -0.30
H4' PSU A 5 1.76 -0.94 2.33
H5' PSU A 5 0.91 1.08 3.36
H5'' PSU A 5 2.38 1.45 2.45
N1 PSU A 5 -2.19 0.90 -1.78
C2 PSU A 5 -2.68 0.10 -2.81
N3 PSU A 5 -2.32 -1.22 -2.77
C4 PSU A 5 -1.51 -1.81 -1.83
C5 PSU A 5 -1.06 -0.93 -0.74
C6 PSU A 5 -1.39 0.39 -0.76
O2 PSU A 5 -3.39 0.54 -3.70
O4 PSU A 5 -1.22 -3.00 -1.96
C1' PSU A 5 -0.17 -1.52 0.36
C2' PSU A 5 1.27 -1.70 -0.13
O2' PSU A 5 1.84 -2.84 0.52
C3' PSU A 5 1.89 -0.38 0.33
C4' PSU A 5 1.24 -0.25 1.70
O3' PSU A 5 3.31 -0.41 0.39
O4' PSU A 5 -0.11 -0.67 1.49
C5' PSU A 5 1.32 1.14 2.33
O5' PSU A 5 0.63 2.11 1.56
P PSU A 5 0.43 3.62 2.10
OP1 PSU A 5 1.69 4.05 2.77
OP2 PSU A 5 -0.08 4.44 0.97
HN1 PSU A 5 -2.45 1.87 -1.84
HN3 PSU A 5 -2.64 -1.80 -3.52
H6 PSU A 5 -1.06 1.09 -0.02
H1' PSU A 5 -0.58 -2.49 0.64
H2' PSU A 5 1.32 -1.81 -1.21
HO2' PSU A 5 2.79 -2.79 0.43
H3' PSU A 5 1.54 0.44 -0.30
H4' PSU A 5 1.72 -0.96 2.38
H5' PSU A 5 0.90 1.10 3.33
H5'' PSU A 5 2.37 1.42 2.41
N1 PSU A 5 -2.29 0.98 -1.77
C2 PSU A 5 -2.77 0.19 -2.79
N3 PSU A 5 -2.39 -1.12 -2.77
C4 PSU A 5 -1.58 -1.71 -1.84
C5 PSU A 5 -1.14 -0.85 -0.74
C6 PSU A 5 -1.49 0.46 -0.74
O2 PSU A 5 -3.50 0.63 -3.68
O4 PSU A 5 -1.28 -2.91 -1.99
C1' PSU A 5 -0.24 -1.44 0.35
C2' PSU A 5 1.19 -1.61 -0.14
O2' PSU A 5 1.76 -2.76 0.50
C3' PSU A 5 1.82 -0.28 0.33
C4' PSU A 5 1.16 -0.19 1.70
O3' PSU A 5 3.23 -0.32 0.38
O4' PSU A 5 -0.19 -0.59 1.49
C5' PSU A 5 1.25 1.21 2.34
O5' PSU A 5 0.54 2.19 1.59
P PSU A 5 0.34 3.69 2.13
OP1 PSU A 5 1.60 4.12 2.79
OP2 PSU A 5 -0.21 4.50 1.03
HN1 PSU A 5 -2.56 1.95 -1.80
HN3 PSU A 5 -2.71 -1.71 -3.52
H6 PSU A 5 -1.17 1.17 0.01
H1' PSU A 5 -0.65 -2.41 0.64
H2' PSU A 5 1.25 -1.70 -1.22
HO2' PSU A 5 2.72 -2.71 0.42
H3' PSU A 5 1.46 0.53 -0.30
H4' PSU A 5 1.65 -0.89 2.37
H5' PSU A 5 0.85 1.16 3.35
H5'' PSU A 5 2.30 1.50 2.40
N1 PSU A 5 -2.25 0.95 -1.78
C2 PSU A 5 -2.74 0.17 -2.81
N3 PSU A 5 -2.37 -1.15 -2.78
C4 PSU A 5 -1.55 -1.74 -1.84
C5 PSU A 5 -1.11 -0.87 -0.76
C6 PSU A 5 -1.45 0.45 -0.76
O2 PSU A 5 -3.45 0.61 -3.70
O4 PSU A 5 -1.27 -2.93 -1.99
C1' PSU A 5 -0.22 -1.46 0.34
C2' PSU A 5 1.23 -1.64 -0.14
O2' PSU A 5 1.79 -2.78 0.49
C3' PSU A 5 1.85 -0.31 0.32
C4' PSU A 5 1.19 -0.21 1.70
O3' PSU A 5 3.27 -0.35 0.37
O4' PSU A 5 -0.16 -0.61 1.49
C5' PSU A 5 1.28 1.19 2.32
O5' PSU A 5 0.58 2.17 1.57
P PSU A 5 0.38 3.67 2.11
OP1 PSU A 5 1.65 4.09 2.78
OP2 PSU A 5 -0.14 4.49 1.00
HN1 PSU A 5 -2.51 1.93 -1.82
HN3 PSU A 5 -2.68 -1.73 -3.55
H6 PSU A 5 -1.12 1.15 -0.01
H1' PSU A 5 -0.62 -2.44 0.62
H2' PSU A 5 1.27 -1.74 -1.23
HO2' PSU A 5 2.74 -2.74 0.41
H3' PSU A 5 1.50 0.50 -0.31
H4' PSU A 5 1.67 -0.91 2.36
H5' PSU A 5 0.87 1.14 3.33
H5'' PSU A 5 2.33 1.47 2.40
N1 PSU A 5 -2.17 0.89 -1.76
C2 PSU A 5 -2.66 0.11 -2.78
N3 PSU A 5 -2.30 -1.21 -2.75
C4 PSU A 5 -1.49 -1.81 -1.81
C5 PSU A 5 -1.04 -0.94 -0.73
C6 PSU A 5 -1.38 0.38 -0.73
O2 PSU A 5 -3.37 0.55 -3.67
O4 PSU A 5 -1.21 -2.99 -1.94
C1' PSU A 5 -0.16 -1.53 0.38
C2' PSU A 5 1.28 -1.70 -0.10
O2' PSU A 5 1.85 -2.86 0.53
C3' PSU A 5 1.90 -0.38 0.39
C4' PSU A 5 1.23 -0.28 1.75
O3' PSU A 5 3.33 -0.42 0.45
O4' PSU A 5 -0.12 -0.69 1.53
C5' PSU A 5 1.32 1.11 2.40
O5' PSU A 5 0.63 2.09 1.64
P PSU A 5 0.44 3.59 2.17
OP1 PSU A 5 1.69 4.01 2.86
OP2 PSU A 5 -0.06 4.42 1.06
HN1 PSU A 5 -2.42 1.87 -1.79
HN3 PSU A 5 -2.61 -1.80 -3.51
H6 PSU A 5 -1.05 1.08 0.02
H1' PSU A 5 -0.56 -2.51 0.65
H2' PSU A 5 1.35 -1.79 -1.18
HO2' PSU A 5 2.81 -2.80 0.46
H3' PSU A 5 1.56 0.45 -0.24
H4' PSU A 5 1.71 -1.00 2.42
H5' PSU A 5 0.88 1.05 3.39
H5'' PSU A 5 2.37 1.38 2.49
N1 PSU A 5 -2.19 0.90 -1.78
C2 PSU A 5 -2.69 0.11 -2.81
N3 PSU A 5 -2.32 -1.21 -2.77
C4 PSU A 5 -1.51 -1.79 -1.82
C5 PSU A 5 -1.06 -0.92 -0.75
C6 PSU A 5 -1.39 0.39 -0.77
O2 PSU A 5 -3.40 0.55 -3.70
O4 PSU A 5 -1.24 -2.99 -1.96
C1' PSU A 5 -0.18 -1.51 0.35
C2' PSU A 5 1.27 -1.69 -0.13
O2' PSU A 5 1.83 -2.83 0.52
C3' PSU A 5 1.89 -0.36 0.33
C4' PSU A 5 1.23 -0.24 1.70
O3' PSU A 5 3.31 -0.39 0.39
O4' PSU A 5 -0.12 -0.66 1.49
C5' PSU A 5 1.31 1.16 2.32
O5' PSU A 5 0.62 2.12 1.56
P PSU A 5 0.43 3.63 2.09
OP1 PSU A 5 1.68 4.05 2.78
OP2 PSU A 5 -0.08 4.45 0.97
HN1 PSU A 5 -2.45 1.88 -1.84
HN3 PSU A 5 -2.64 -1.80 -3.53
H6 PSU A 5 -1.06 1.11 -0.02
H1' PSU A 5 -0.58 -2.48 0.64
H2' PSU A 5 1.32 -1.79 -1.21
HO2' PSU A 5 2.79 -2.78 0.43
H3' PSU A 5 1.54 0.45 -0.30
H4' PSU A 5 1.72 -0.95 2.37
H5' PSU A 5 0.90 1.11 3.34
H5'' PSU A 5 2.36 1.44 2.40
N1 PSU A 5 -2.30 1.00 -1.86
C2 PSU A 5 -2.78 0.20 -2.86
N3 PSU A 5 -2.42 -1.11 -2.82
C4 PSU A 5 -1.60 -1.69 -1.87
C5 PSU A 5 -1.15 -0.81 -0.80
C6 PSU A 5 -1.49 0.51 -0.82
O2 PSU A 5 -3.51 0.63 -3.76
O4 PSU A 5 -1.32 -2.89 -2.00
C1' PSU A 5 -0.28 -1.39 0.31
C2' PSU A 5 1.17 -1.58 -0.15
O2' PSU A 5 1.72 -2.72 0.52
C3' PSU A 5 1.78 -0.25 0.30
C4' PSU A 5 1.11 -0.12 1.66
O3' PSU A 5 3.20 -0.29 0.38
O4' PSU A 5 -0.24 -0.53 1.45
C5' PSU A 5 1.19 1.30 2.27
O5' PSU A 5 0.52 2.25 1.48
P PSU A 5 0.32 3.76 1.99
OP1 PSU A 5 1.58 4.23 2.61
OP2 PSU A 5 -0.26 4.55 0.87
HN1 PSU A 5 -2.54 1.98 -1.91
HN3 PSU A 5 -2.73 -1.71 -3.57
H6 PSU A 5 -1.17 1.22 -0.08
H1' PSU A 5 -0.70 -2.37 0.60
H2' PSU A 5 1.22 -1.70 -1.23
HO2' PSU A 5 2.68 -2.67 0.45
H3' PSU A 5 1.44 0.56 -0.35
H4' PSU A 5 1.58 -0.81 2.36
H5' PSU A 5 0.75 1.28 3.27
H5'' PSU A 5 2.24 1.57 2.38
N1 PSU A 5 -2.30 1.02 -1.78
C2 PSU A 5 -2.79 0.23 -2.81
N3 PSU A 5 -2.39 -1.07 -2.80
C4 PSU A 5 -1.57 -1.66 -1.88
C5 PSU A 5 -1.13 -0.80 -0.79
C6 PSU A 5 -1.49 0.51 -0.76
O2 PSU A 5 -3.52 0.68 -3.70
O4 PSU A 5 -1.26 -2.85 -2.03
C1' PSU A 5 -0.22 -1.39 0.30
C2' PSU A 5 1.22 -1.52 -0.21
O2' PSU A 5 1.82 -2.68 0.37
C3' PSU A 5 1.82 -0.20 0.29
C4' PSU A 5 1.18 -0.15 1.67
O3' PSU A 5 3.25 -0.17 0.32
O4' PSU A 5 -0.17 -0.57 1.46
C5' PSU A 5 1.25 1.23 2.35
O5' PSU A 5 0.55 2.22 1.62
P PSU A 5 0.36 3.70 2.19
OP1 PSU A 5 1.61 4.12 2.87
OP2 PSU A 5 -0.17 4.55 1.10
HN1 PSU A 5 -2.58 1.99 -1.80
HN3 PSU A 5 -2.71 -1.66 -3.56
H6 PSU A 5 -1.17 1.21 -0.01
H1' PSU A 5 -0.60 -2.38 0.57
H2' PSU A 5 1.26 -1.58 -1.30
HO2' PSU A 5 1.58 -3.46 -0.15
H3' PSU A 5 1.44 0.63 -0.31
H4' PSU A 5 1.67 -0.88 2.31
H5' PSU A 5 0.84 1.15 3.35
H5'' PSU A 5 2.30 1.52 2.43
N1 PSU A 5 -2.23 0.95 -1.79
C2 PSU A 5 -2.72 0.17 -2.82
N3 PSU A 5 -2.34 -1.15 -2.79
C4 PSU A 5 -1.52 -1.74 -1.86
C5 PSU A 5 -1.07 -0.86 -0.78
C6 PSU A 5 -1.42 0.45 -0.77
O2 PSU A 5 -3.44 0.60 -3.70
O4 PSU A 5 -1.23 -2.92 -2.01
C1' PSU A 5 -0.17 -1.46 0.31
C2' PSU A 5 1.27 -1.59 -0.20
O2' PSU A 5 1.87 -2.75 0.38
C3' PSU A 5 1.88 -0.26 0.29
C4' PSU A 5 1.23 -0.21 1.67
O3' PSU A 5 3.30 -0.24 0.33
O4' PSU A 5 -0.12 -0.62 1.46
C5' PSU A 5 1.30 1.17 2.34
O5' PSU A 5 0.60 2.16 1.60
P PSU A 5 0.40 3.65 2.16
OP1 PSU A 5 1.66 4.07 2.85
OP2 PSU A 5 -0.11 4.49 1.06
HN1 PSU A 5 -2.50 1.92 -1.83
HN3 PSU A 5 -2.65 -1.73 -3.56
H6 PSU A 5 -1.10 1.16 -0.02
H1' PSU A 5 -0.54 -2.44 0.58
H2' PSU A 5 1.31 -1.65 -1.29
HO2' PSU A 5 1.62 -3.52 -0.12
H3' PSU A 5 1.50 0.56 -0.31
H4' PSU A 5 1.72 -0.93 2.32
H5' PSU A 5 0.88 1.10 3.34
H5'' PSU A 5 2.34 1.47 2.43
N1 PSU A 5 -2.22 0.94 -1.78
C2 PSU A 5 -2.69 0.16 -2.81
N3 PSU A 5 -2.32 -1.16 -2.79
C4 PSU A 5 -1.51 -1.75 -1.85
C5 PSU A 5 -1.06 -0.89 -0.77
C6 PSU A 5 -1.41 0.43 -0.76
O2 PSU A 5 -3.41 0.60 -3.70
O4 PSU A 5 -1.21 -2.93 -2.00
C1' PSU A 5 -0.16 -1.48 0.32
C2' PSU A 5 1.29 -1.61 -0.18
O2' PSU A 5 1.89 -2.78 0.39
C3' PSU A 5 1.89 -0.30 0.33
C4' PSU A 5 1.23 -0.24 1.71
O3' PSU A 5 3.31 -0.27 0.37
O4' PSU A 5 -0.11 -0.65 1.48
C5' PSU A 5 1.30 1.13 2.38
O5' PSU A 5 0.61 2.13 1.64
P PSU A 5 0.43 3.63 2.21
OP1 PSU A 5 1.67 4.03 2.90
OP2 PSU A 5 -0.08 4.48 1.10
HN1 PSU A 5 -2.48 1.91 -1.82
HN3 PSU A 5 -2.64 -1.74 -3.55
H6 PSU A 5 -1.08 1.13 -0.01
H1' PSU A 5 -0.53 -2.47 0.59
H2' PSU A 5 1.33 -1.65 -1.28
HO2' PSU A 5 1.63 -3.55 -0.13
H3' PSU A 5 1.52 0.54 -0.27
H4' PSU A 5 1.72 -0.97 2.34
H5' PSU A 5 0.87 1.05 3.38
H5'' PSU A 5 2.35 1.42 2.48
#